data_4ZVH
#
_entry.id   4ZVH
#
_cell.length_a   130.070
_cell.length_b   130.070
_cell.length_c   59.070
_cell.angle_alpha   90.00
_cell.angle_beta   90.00
_cell.angle_gamma   120.00
#
_symmetry.space_group_name_H-M   'P 31 2 1'
#
loop_
_entity.id
_entity.type
_entity.pdbx_description
1 polymer 'Diguanylate cyclase DosC'
2 non-polymer 'SULFATE ION'
#
_entity_poly.entity_id   1
_entity_poly.type   'polypeptide(L)'
_entity_poly.pdbx_seq_one_letter_code
;MDVLTKLLNRRFLPTIFKREIAHANRTGTPLSVLIIDVDKFKEINDTWGHNTGDEILRKVSQAFYDNVRSSDYVFRYGGD
EFIIVLTEASENETLRTAERIRSRVEKTKLKAANGEDIALSLSIGAAMFNGHPDYERLIQIADEALYIAKRRGRNRVELW
KASLLEHHHHHH
;
_entity_poly.pdbx_strand_id   A,B
#
loop_
_chem_comp.id
_chem_comp.type
_chem_comp.name
_chem_comp.formula
SO4 non-polymer 'SULFATE ION' 'O4 S -2'
#
# COMPACT_ATOMS: atom_id res chain seq x y z
N ASP A 2 -20.83 21.01 -0.72
CA ASP A 2 -19.84 19.99 -1.06
C ASP A 2 -19.42 19.20 0.17
N VAL A 3 -19.59 17.88 0.11
CA VAL A 3 -19.28 17.01 1.24
C VAL A 3 -17.78 16.91 1.53
N LEU A 4 -16.96 17.05 0.49
CA LEU A 4 -15.52 16.89 0.61
C LEU A 4 -14.86 18.02 1.39
N THR A 5 -15.53 19.16 1.47
CA THR A 5 -14.97 20.32 2.17
C THR A 5 -15.09 20.18 3.69
N LYS A 6 -15.94 19.26 4.14
CA LYS A 6 -16.14 19.07 5.56
C LYS A 6 -15.06 18.18 6.17
N LEU A 7 -14.35 17.46 5.30
CA LEU A 7 -13.27 16.56 5.72
C LEU A 7 -12.12 17.30 6.37
N LEU A 8 -11.48 16.66 7.35
CA LEU A 8 -10.37 17.28 8.06
C LEU A 8 -9.02 16.90 7.46
N ASN A 9 -8.12 17.87 7.39
CA ASN A 9 -6.75 17.65 6.93
C ASN A 9 -5.97 16.76 7.91
N ARG A 10 -4.96 16.05 7.41
CA ARG A 10 -4.17 15.17 8.27
C ARG A 10 -3.44 15.94 9.37
N ARG A 11 -3.02 17.16 9.07
CA ARG A 11 -2.19 17.94 10.00
C ARG A 11 -2.87 18.13 11.36
N PHE A 12 -4.18 17.92 11.41
CA PHE A 12 -4.93 18.11 12.65
C PHE A 12 -5.02 16.83 13.49
N LEU A 13 -4.54 15.71 12.96
CA LEU A 13 -4.53 14.45 13.71
C LEU A 13 -3.78 14.49 15.03
N PRO A 14 -2.53 15.01 15.06
CA PRO A 14 -1.83 15.00 16.34
C PRO A 14 -2.56 15.80 17.42
N THR A 15 -2.83 17.07 17.16
CA THR A 15 -3.46 17.93 18.16
C THR A 15 -4.82 17.39 18.60
N ILE A 16 -5.54 16.73 17.69
CA ILE A 16 -6.83 16.16 18.05
C ILE A 16 -6.68 14.88 18.87
N PHE A 17 -5.80 13.97 18.43
CA PHE A 17 -5.58 12.71 19.14
C PHE A 17 -5.03 12.92 20.54
N LYS A 18 -4.07 13.83 20.68
CA LYS A 18 -3.46 14.12 21.96
C LYS A 18 -4.52 14.46 23.00
N ARG A 19 -5.44 15.34 22.62
CA ARG A 19 -6.50 15.79 23.50
C ARG A 19 -7.58 14.72 23.71
N GLU A 20 -7.89 13.98 22.65
CA GLU A 20 -8.96 12.98 22.72
C GLU A 20 -8.52 11.75 23.51
N ILE A 21 -7.23 11.43 23.46
CA ILE A 21 -6.69 10.33 24.25
C ILE A 21 -6.64 10.70 25.74
N ALA A 22 -6.16 11.91 26.03
CA ALA A 22 -6.07 12.40 27.39
C ALA A 22 -7.42 12.32 28.07
N HIS A 23 -8.46 12.70 27.33
CA HIS A 23 -9.82 12.64 27.84
C HIS A 23 -10.27 11.20 28.10
N ALA A 24 -9.82 10.26 27.26
CA ALA A 24 -10.21 8.86 27.40
C ALA A 24 -9.52 8.16 28.56
N ASN A 25 -8.45 8.75 29.07
CA ASN A 25 -7.76 8.19 30.23
C ASN A 25 -8.29 8.74 31.55
N ARG A 26 -8.57 10.04 31.57
CA ARG A 26 -9.10 10.68 32.77
C ARG A 26 -10.48 10.15 33.11
N THR A 27 -11.23 9.76 32.07
CA THR A 27 -12.61 9.33 32.25
C THR A 27 -12.76 7.82 32.19
N GLY A 28 -11.93 7.16 31.38
CA GLY A 28 -12.02 5.73 31.23
C GLY A 28 -13.05 5.34 30.18
N THR A 29 -13.30 6.24 29.24
CA THR A 29 -14.23 5.98 28.15
C THR A 29 -13.52 5.31 26.97
N PRO A 30 -14.18 4.32 26.34
CA PRO A 30 -13.58 3.63 25.20
C PRO A 30 -13.32 4.56 24.02
N LEU A 31 -12.29 4.24 23.24
CA LEU A 31 -11.94 5.03 22.06
C LEU A 31 -11.47 4.10 20.95
N SER A 32 -11.92 4.35 19.73
CA SER A 32 -11.56 3.47 18.62
C SER A 32 -11.21 4.27 17.37
N VAL A 33 -10.52 3.61 16.44
CA VAL A 33 -10.09 4.22 15.19
C VAL A 33 -10.47 3.35 14.00
N LEU A 34 -11.02 3.97 12.97
CA LEU A 34 -11.22 3.28 11.71
C LEU A 34 -10.30 3.84 10.65
N ILE A 35 -9.42 3.00 10.12
CA ILE A 35 -8.57 3.40 9.00
C ILE A 35 -9.06 2.75 7.72
N ILE A 36 -9.44 3.59 6.76
CA ILE A 36 -10.13 3.13 5.56
C ILE A 36 -9.36 3.47 4.29
N ASP A 37 -9.33 2.52 3.36
CA ASP A 37 -8.70 2.76 2.06
C ASP A 37 -9.61 2.13 0.97
N VAL A 38 -9.98 2.91 -0.04
CA VAL A 38 -10.81 2.40 -1.12
C VAL A 38 -10.05 1.37 -1.97
N ASP A 39 -10.67 0.23 -2.21
CA ASP A 39 -10.03 -0.87 -2.90
C ASP A 39 -9.76 -0.62 -4.38
N LYS A 40 -8.51 -0.85 -4.78
CA LYS A 40 -8.10 -0.70 -6.17
C LYS A 40 -8.47 0.66 -6.74
N PHE A 41 -8.30 1.70 -5.93
CA PHE A 41 -8.74 3.04 -6.33
C PHE A 41 -7.95 3.62 -7.50
N LYS A 42 -6.63 3.45 -7.48
CA LYS A 42 -5.78 3.96 -8.54
C LYS A 42 -6.20 3.34 -9.87
N GLU A 43 -6.47 2.04 -9.82
CA GLU A 43 -6.94 1.30 -10.99
C GLU A 43 -8.27 1.87 -11.48
N ILE A 44 -9.14 2.24 -10.55
CA ILE A 44 -10.43 2.85 -10.89
C ILE A 44 -10.24 4.26 -11.43
N ASN A 45 -9.30 4.96 -10.81
CA ASN A 45 -8.99 6.33 -11.18
C ASN A 45 -8.47 6.41 -12.61
N ASP A 46 -7.69 5.41 -13.02
CA ASP A 46 -7.13 5.39 -14.37
C ASP A 46 -8.20 5.06 -15.39
N THR A 47 -8.90 3.95 -15.17
CA THR A 47 -9.85 3.42 -16.12
C THR A 47 -11.04 4.34 -16.38
N TRP A 48 -11.61 4.92 -15.33
CA TRP A 48 -12.85 5.68 -15.47
C TRP A 48 -12.67 7.18 -15.28
N GLY A 49 -11.47 7.60 -14.88
CA GLY A 49 -11.18 9.01 -14.82
C GLY A 49 -11.32 9.65 -13.46
N HIS A 50 -10.70 10.82 -13.31
CA HIS A 50 -10.69 11.53 -12.04
C HIS A 50 -12.06 12.07 -11.65
N ASN A 51 -12.87 12.42 -12.65
CA ASN A 51 -14.24 12.83 -12.35
C ASN A 51 -15.02 11.67 -11.72
N THR A 52 -14.73 10.46 -12.18
CA THR A 52 -15.35 9.26 -11.63
C THR A 52 -14.74 8.91 -10.27
N GLY A 53 -13.42 9.08 -10.16
CA GLY A 53 -12.72 8.85 -8.91
C GLY A 53 -13.18 9.82 -7.84
N ASP A 54 -13.40 11.08 -8.25
CA ASP A 54 -13.84 12.13 -7.34
C ASP A 54 -15.26 11.88 -6.85
N GLU A 55 -16.14 11.48 -7.76
CA GLU A 55 -17.52 11.19 -7.40
C GLU A 55 -17.58 10.02 -6.44
N ILE A 56 -16.66 9.07 -6.63
CA ILE A 56 -16.53 7.94 -5.71
C ILE A 56 -16.16 8.44 -4.33
N LEU A 57 -15.18 9.35 -4.25
CA LEU A 57 -14.79 9.93 -2.97
C LEU A 57 -15.92 10.67 -2.28
N ARG A 58 -16.84 11.22 -3.07
CA ARG A 58 -18.00 11.90 -2.50
C ARG A 58 -18.99 10.92 -1.88
N LYS A 59 -19.33 9.88 -2.64
CA LYS A 59 -20.27 8.86 -2.16
C LYS A 59 -19.73 8.15 -0.93
N VAL A 60 -18.42 7.88 -0.95
CA VAL A 60 -17.75 7.19 0.14
C VAL A 60 -17.71 8.07 1.40
N SER A 61 -17.44 9.35 1.21
CA SER A 61 -17.41 10.30 2.32
C SER A 61 -18.80 10.47 2.92
N GLN A 62 -19.82 10.39 2.08
CA GLN A 62 -21.18 10.55 2.54
C GLN A 62 -21.58 9.39 3.44
N ALA A 63 -21.10 8.20 3.11
CA ALA A 63 -21.37 7.01 3.90
C ALA A 63 -20.79 7.14 5.30
N PHE A 64 -19.68 7.86 5.41
CA PHE A 64 -19.02 8.06 6.70
C PHE A 64 -19.84 8.94 7.63
N TYR A 65 -20.20 10.13 7.16
CA TYR A 65 -20.90 11.11 7.99
C TYR A 65 -22.31 10.64 8.36
N ASP A 66 -22.85 9.71 7.57
CA ASP A 66 -24.18 9.17 7.82
C ASP A 66 -24.15 8.11 8.93
N ASN A 67 -22.96 7.64 9.27
CA ASN A 67 -22.81 6.57 10.26
C ASN A 67 -21.89 6.93 11.41
N VAL A 68 -21.64 8.22 11.60
CA VAL A 68 -20.85 8.69 12.74
C VAL A 68 -21.59 9.83 13.41
N ARG A 69 -21.25 10.09 14.68
CA ARG A 69 -21.85 11.18 15.40
C ARG A 69 -21.17 12.48 15.01
N SER A 70 -21.70 13.60 15.49
CA SER A 70 -21.09 14.89 15.23
C SER A 70 -19.81 14.99 16.05
N SER A 71 -19.77 14.23 17.14
CA SER A 71 -18.67 14.24 18.08
C SER A 71 -17.46 13.43 17.59
N ASP A 72 -17.66 12.70 16.49
CA ASP A 72 -16.57 11.92 15.89
C ASP A 72 -15.82 12.76 14.87
N TYR A 73 -14.67 12.27 14.44
CA TYR A 73 -13.83 13.01 13.51
C TYR A 73 -13.46 12.16 12.30
N VAL A 74 -13.53 12.77 11.11
CA VAL A 74 -13.16 12.10 9.87
C VAL A 74 -12.08 12.85 9.12
N PHE A 75 -10.98 12.16 8.83
CA PHE A 75 -9.84 12.79 8.17
C PHE A 75 -9.64 12.20 6.77
N ARG A 76 -9.22 13.03 5.81
CA ARG A 76 -8.81 12.55 4.49
C ARG A 76 -7.35 12.90 4.17
N TYR A 77 -6.47 11.90 4.07
CA TYR A 77 -5.07 12.20 3.79
C TYR A 77 -4.66 12.05 2.33
N GLY A 78 -4.80 10.85 1.79
CA GLY A 78 -4.38 10.62 0.42
C GLY A 78 -5.56 10.75 -0.50
N GLY A 79 -5.46 10.19 -1.69
CA GLY A 79 -6.57 10.23 -2.62
C GLY A 79 -7.74 9.46 -2.04
N ASP A 80 -7.48 8.20 -1.67
CA ASP A 80 -8.52 7.33 -1.14
C ASP A 80 -8.29 6.97 0.33
N GLU A 81 -7.45 7.72 1.03
CA GLU A 81 -7.11 7.33 2.40
C GLU A 81 -7.88 8.14 3.44
N PHE A 82 -8.54 7.43 4.36
CA PHE A 82 -9.37 8.06 5.38
C PHE A 82 -9.07 7.55 6.79
N ILE A 83 -9.29 8.42 7.78
CA ILE A 83 -9.15 8.05 9.18
C ILE A 83 -10.35 8.53 9.98
N ILE A 84 -11.02 7.61 10.67
CA ILE A 84 -12.14 7.98 11.50
C ILE A 84 -11.84 7.74 12.97
N VAL A 85 -12.02 8.77 13.78
CA VAL A 85 -11.83 8.64 15.22
C VAL A 85 -13.20 8.52 15.89
N LEU A 86 -13.44 7.39 16.54
CA LEU A 86 -14.71 7.17 17.21
C LEU A 86 -14.56 7.42 18.70
N THR A 87 -15.06 8.56 19.16
CA THR A 87 -15.02 8.87 20.57
C THR A 87 -16.16 8.16 21.28
N GLU A 88 -15.85 7.53 22.42
CA GLU A 88 -16.84 6.84 23.24
C GLU A 88 -17.63 5.78 22.47
N ALA A 89 -16.92 4.88 21.80
CA ALA A 89 -17.55 3.76 21.11
C ALA A 89 -16.94 2.43 21.54
N SER A 90 -17.76 1.56 22.13
CA SER A 90 -17.27 0.25 22.55
C SER A 90 -16.89 -0.59 21.34
N GLU A 91 -16.12 -1.66 21.58
CA GLU A 91 -15.71 -2.56 20.50
C GLU A 91 -16.91 -3.09 19.73
N ASN A 92 -17.98 -3.43 20.46
CA ASN A 92 -19.19 -3.93 19.83
C ASN A 92 -19.77 -2.87 18.90
N GLU A 93 -19.73 -1.62 19.35
CA GLU A 93 -20.29 -0.51 18.59
C GLU A 93 -19.40 -0.16 17.39
N THR A 94 -18.09 -0.23 17.59
CA THR A 94 -17.12 0.11 16.56
C THR A 94 -17.24 -0.78 15.34
N LEU A 95 -17.24 -2.09 15.56
CA LEU A 95 -17.35 -3.07 14.48
C LEU A 95 -18.68 -2.97 13.76
N ARG A 96 -19.73 -2.69 14.51
CA ARG A 96 -21.05 -2.46 13.93
C ARG A 96 -21.02 -1.26 12.99
N THR A 97 -20.35 -0.19 13.43
CA THR A 97 -20.23 1.03 12.64
C THR A 97 -19.41 0.80 11.38
N ALA A 98 -18.26 0.15 11.55
CA ALA A 98 -17.38 -0.16 10.43
C ALA A 98 -18.09 -1.05 9.41
N GLU A 99 -18.94 -1.95 9.91
CA GLU A 99 -19.68 -2.83 9.03
C GLU A 99 -20.77 -2.11 8.24
N ARG A 100 -21.45 -1.17 8.89
CA ARG A 100 -22.46 -0.38 8.20
C ARG A 100 -21.81 0.40 7.06
N ILE A 101 -20.61 0.91 7.32
CA ILE A 101 -19.88 1.67 6.31
C ILE A 101 -19.43 0.83 5.14
N ARG A 102 -18.79 -0.30 5.42
CA ARG A 102 -18.32 -1.20 4.37
C ARG A 102 -19.45 -1.72 3.50
N SER A 103 -20.56 -2.07 4.12
CA SER A 103 -21.71 -2.59 3.40
C SER A 103 -22.30 -1.55 2.46
N ARG A 104 -22.39 -0.32 2.96
CA ARG A 104 -22.96 0.79 2.21
C ARG A 104 -22.23 1.04 0.90
N VAL A 105 -20.91 1.03 0.96
CA VAL A 105 -20.08 1.25 -0.21
C VAL A 105 -20.22 0.10 -1.21
N GLU A 106 -20.29 -1.11 -0.70
CA GLU A 106 -20.47 -2.28 -1.55
C GLU A 106 -21.77 -2.20 -2.32
N LYS A 107 -22.83 -1.82 -1.62
CA LYS A 107 -24.17 -1.79 -2.19
C LYS A 107 -24.47 -0.52 -2.99
N THR A 108 -23.49 0.38 -3.09
CA THR A 108 -23.66 1.53 -3.98
C THR A 108 -23.12 1.21 -5.36
N LYS A 109 -24.01 0.87 -6.28
CA LYS A 109 -23.60 0.61 -7.66
C LYS A 109 -23.51 1.93 -8.41
N LEU A 110 -22.47 2.07 -9.23
CA LEU A 110 -22.24 3.29 -9.98
C LEU A 110 -22.30 3.04 -11.48
N LYS A 111 -23.12 3.82 -12.17
CA LYS A 111 -23.27 3.68 -13.61
C LYS A 111 -22.05 4.28 -14.32
N ALA A 112 -21.54 3.56 -15.32
CA ALA A 112 -20.39 4.02 -16.08
C ALA A 112 -20.81 4.91 -17.23
N ALA A 113 -19.83 5.36 -18.01
CA ALA A 113 -20.11 6.19 -19.18
C ALA A 113 -20.87 5.39 -20.22
N ASN A 114 -20.56 4.10 -20.32
CA ASN A 114 -21.22 3.21 -21.27
C ASN A 114 -22.50 2.61 -20.71
N GLY A 115 -22.61 2.55 -19.40
CA GLY A 115 -23.82 2.04 -18.77
C GLY A 115 -23.54 0.82 -17.91
N GLU A 116 -22.26 0.53 -17.69
CA GLU A 116 -21.88 -0.62 -16.89
C GLU A 116 -21.76 -0.26 -15.41
N ASP A 117 -21.60 -1.28 -14.57
CA ASP A 117 -21.50 -1.08 -13.13
C ASP A 117 -20.05 -0.94 -12.69
N ILE A 118 -19.81 -0.04 -11.74
CA ILE A 118 -18.48 0.14 -11.19
C ILE A 118 -18.37 -0.56 -9.84
N ALA A 119 -17.33 -1.39 -9.69
CA ALA A 119 -17.15 -2.16 -8.47
C ALA A 119 -16.61 -1.29 -7.34
N LEU A 120 -17.40 -1.17 -6.29
CA LEU A 120 -16.99 -0.38 -5.13
C LEU A 120 -16.85 -1.24 -3.88
N SER A 121 -15.80 -0.97 -3.11
CA SER A 121 -15.56 -1.70 -1.88
C SER A 121 -14.56 -0.96 -0.99
N LEU A 122 -14.63 -1.21 0.31
CA LEU A 122 -13.71 -0.62 1.26
C LEU A 122 -12.93 -1.68 1.99
N SER A 123 -11.72 -1.32 2.42
CA SER A 123 -10.99 -2.14 3.37
C SER A 123 -10.81 -1.30 4.63
N ILE A 124 -11.17 -1.86 5.78
CA ILE A 124 -11.16 -1.09 7.01
C ILE A 124 -10.36 -1.78 8.11
N GLY A 125 -9.43 -1.02 8.69
CA GLY A 125 -8.69 -1.47 9.85
C GLY A 125 -9.29 -0.82 11.08
N ALA A 126 -9.44 -1.60 12.15
CA ALA A 126 -10.05 -1.11 13.37
C ALA A 126 -9.17 -1.45 14.56
N ALA A 127 -9.11 -0.54 15.54
CA ALA A 127 -8.32 -0.77 16.73
C ALA A 127 -8.90 -0.02 17.93
N MET A 128 -8.88 -0.68 19.09
CA MET A 128 -9.41 -0.08 20.32
C MET A 128 -8.29 0.53 21.15
N PHE A 129 -8.60 1.68 21.76
CA PHE A 129 -7.66 2.34 22.67
C PHE A 129 -7.49 1.54 23.96
N ASN A 130 -6.25 1.19 24.29
CA ASN A 130 -5.99 0.37 25.47
C ASN A 130 -5.21 1.09 26.56
N GLY A 131 -5.24 2.42 26.52
CA GLY A 131 -4.63 3.22 27.56
C GLY A 131 -3.28 3.83 27.24
N HIS A 132 -2.61 3.33 26.19
CA HIS A 132 -1.28 3.82 25.85
C HIS A 132 -1.30 5.30 25.45
N PRO A 133 -0.44 6.11 26.07
CA PRO A 133 -0.43 7.56 25.91
C PRO A 133 -0.10 8.05 24.51
N ASP A 134 0.79 7.34 23.81
CA ASP A 134 1.22 7.73 22.46
C ASP A 134 0.18 7.36 21.42
N TYR A 135 -0.31 8.34 20.68
CA TYR A 135 -1.37 8.13 19.69
C TYR A 135 -0.89 7.38 18.46
N GLU A 136 0.39 7.52 18.15
CA GLU A 136 0.95 6.88 16.98
C GLU A 136 0.86 5.35 17.07
N ARG A 137 0.93 4.83 18.28
CA ARG A 137 0.79 3.39 18.51
C ARG A 137 -0.60 2.92 18.12
N LEU A 138 -1.60 3.73 18.45
CA LEU A 138 -2.99 3.41 18.14
C LEU A 138 -3.25 3.46 16.64
N ILE A 139 -2.56 4.35 15.93
CA ILE A 139 -2.72 4.45 14.49
C ILE A 139 -1.98 3.31 13.81
N GLN A 140 -0.83 2.94 14.37
CA GLN A 140 -0.02 1.87 13.82
C GLN A 140 -0.81 0.56 13.74
N ILE A 141 -1.40 0.15 14.85
CA ILE A 141 -2.10 -1.13 14.89
C ILE A 141 -3.39 -1.11 14.06
N ALA A 142 -4.00 0.06 13.90
CA ALA A 142 -5.22 0.17 13.10
C ALA A 142 -4.86 0.08 11.62
N ASP A 143 -3.67 0.59 11.29
CA ASP A 143 -3.15 0.54 9.93
C ASP A 143 -2.72 -0.89 9.62
N GLU A 144 -2.12 -1.54 10.60
CA GLU A 144 -1.74 -2.95 10.49
C GLU A 144 -2.99 -3.79 10.22
N ALA A 145 -4.07 -3.45 10.91
CA ALA A 145 -5.34 -4.15 10.73
C ALA A 145 -5.85 -3.94 9.31
N LEU A 146 -5.63 -2.73 8.78
CA LEU A 146 -6.00 -2.42 7.42
C LEU A 146 -5.16 -3.24 6.45
N TYR A 147 -3.88 -3.37 6.77
CA TYR A 147 -2.96 -4.13 5.94
C TYR A 147 -3.44 -5.55 5.71
N ILE A 148 -3.94 -6.17 6.78
CA ILE A 148 -4.46 -7.53 6.69
C ILE A 148 -5.74 -7.61 5.87
N ALA A 149 -6.65 -6.65 6.07
CA ALA A 149 -7.90 -6.62 5.33
C ALA A 149 -7.62 -6.53 3.82
N LYS A 150 -6.60 -5.76 3.45
CA LYS A 150 -6.19 -5.71 2.05
C LYS A 150 -5.61 -7.06 1.63
N ARG A 151 -4.74 -7.60 2.46
CA ARG A 151 -4.03 -8.85 2.18
C ARG A 151 -4.98 -10.04 2.09
N ARG A 152 -6.08 -9.98 2.81
CA ARG A 152 -7.06 -11.07 2.85
C ARG A 152 -8.18 -10.93 1.82
N GLY A 153 -7.94 -10.15 0.78
CA GLY A 153 -8.88 -10.07 -0.33
C GLY A 153 -9.80 -8.86 -0.35
N ARG A 154 -9.54 -7.89 0.51
CA ARG A 154 -10.28 -6.62 0.53
C ARG A 154 -11.79 -6.80 0.75
N ASN A 155 -12.51 -5.68 0.71
CA ASN A 155 -13.95 -5.65 1.01
C ASN A 155 -14.29 -6.34 2.31
N ARG A 156 -13.64 -5.92 3.39
CA ARG A 156 -13.82 -6.56 4.69
C ARG A 156 -13.26 -5.69 5.80
N VAL A 157 -13.64 -6.02 7.03
CA VAL A 157 -13.15 -5.30 8.19
C VAL A 157 -12.26 -6.21 9.02
N GLU A 158 -11.19 -5.66 9.60
CA GLU A 158 -10.32 -6.44 10.47
C GLU A 158 -9.98 -5.68 11.74
N LEU A 159 -9.99 -6.39 12.86
CA LEU A 159 -9.69 -5.80 14.17
C LEU A 159 -8.33 -6.27 14.64
N TRP A 160 -7.53 -5.34 15.17
CA TRP A 160 -6.14 -5.66 15.51
C TRP A 160 -6.05 -6.54 16.75
N LYS A 161 -5.21 -7.57 16.67
CA LYS A 161 -4.93 -8.45 17.79
C LYS A 161 -3.44 -8.76 17.85
N ALA A 162 -2.97 -9.21 19.01
CA ALA A 162 -1.56 -9.53 19.22
C ALA A 162 -1.11 -10.65 18.30
N SER A 163 -2.05 -11.48 17.87
CA SER A 163 -1.79 -12.52 16.88
C SER A 163 -1.71 -11.94 15.47
N LEU A 164 -0.67 -12.35 14.74
CA LEU A 164 -0.45 -11.82 13.39
C LEU A 164 0.50 -12.72 12.61
N ASP B 2 -5.60 -12.70 -10.96
CA ASP B 2 -4.77 -11.59 -11.42
C ASP B 2 -3.63 -11.32 -10.43
N VAL B 3 -2.41 -11.37 -10.93
CA VAL B 3 -1.23 -11.15 -10.10
C VAL B 3 -1.13 -9.68 -9.67
N LEU B 4 -1.68 -8.78 -10.47
CA LEU B 4 -1.57 -7.35 -10.19
C LEU B 4 -2.38 -6.96 -8.97
N THR B 5 -3.38 -7.77 -8.63
CA THR B 5 -4.22 -7.48 -7.48
C THR B 5 -3.51 -7.89 -6.20
N LYS B 6 -2.50 -8.73 -6.34
CA LYS B 6 -1.75 -9.21 -5.18
C LYS B 6 -0.68 -8.21 -4.76
N LEU B 7 -0.35 -7.28 -5.64
CA LEU B 7 0.67 -6.28 -5.34
C LEU B 7 0.24 -5.43 -4.16
N LEU B 8 1.21 -5.04 -3.35
CA LEU B 8 0.88 -4.29 -2.14
C LEU B 8 0.86 -2.80 -2.39
N ASN B 9 -0.10 -2.13 -1.76
CA ASN B 9 -0.23 -0.70 -1.87
C ASN B 9 1.03 -0.04 -1.32
N ARG B 10 1.37 1.11 -1.87
CA ARG B 10 2.57 1.83 -1.49
C ARG B 10 2.48 2.29 -0.03
N ARG B 11 1.27 2.63 0.38
CA ARG B 11 1.00 3.23 1.69
C ARG B 11 1.41 2.38 2.89
N PHE B 12 1.66 1.10 2.67
CA PHE B 12 1.99 0.19 3.76
C PHE B 12 3.48 0.09 4.04
N LEU B 13 4.27 0.75 3.22
CA LEU B 13 5.73 0.77 3.40
C LEU B 13 6.14 1.21 4.81
N PRO B 14 5.56 2.32 5.32
CA PRO B 14 5.96 2.69 6.68
C PRO B 14 5.64 1.63 7.71
N THR B 15 4.36 1.26 7.78
CA THR B 15 3.85 0.35 8.81
C THR B 15 4.52 -1.01 8.80
N ILE B 16 4.96 -1.44 7.63
CA ILE B 16 5.67 -2.70 7.48
C ILE B 16 7.11 -2.61 7.96
N PHE B 17 7.79 -1.55 7.55
CA PHE B 17 9.17 -1.34 7.93
C PHE B 17 9.33 -1.13 9.43
N LYS B 18 8.40 -0.38 10.02
CA LYS B 18 8.42 -0.10 11.45
C LYS B 18 8.53 -1.39 12.24
N ARG B 19 7.74 -2.39 11.83
CA ARG B 19 7.75 -3.69 12.47
C ARG B 19 9.01 -4.47 12.09
N GLU B 20 9.41 -4.36 10.82
CA GLU B 20 10.54 -5.12 10.30
C GLU B 20 11.90 -4.60 10.74
N ILE B 21 12.00 -3.30 10.95
CA ILE B 21 13.23 -2.71 11.44
C ILE B 21 13.43 -3.15 12.87
N ALA B 22 12.36 -3.07 13.65
CA ALA B 22 12.39 -3.47 15.06
C ALA B 22 12.85 -4.92 15.24
N HIS B 23 12.31 -5.82 14.42
CA HIS B 23 12.68 -7.22 14.49
C HIS B 23 14.14 -7.45 14.08
N ALA B 24 14.59 -6.68 13.10
CA ALA B 24 15.95 -6.81 12.57
C ALA B 24 16.96 -6.25 13.56
N ASN B 25 16.45 -5.47 14.53
CA ASN B 25 17.29 -4.89 15.56
C ASN B 25 17.40 -5.81 16.78
N ARG B 26 16.30 -6.44 17.16
CA ARG B 26 16.32 -7.34 18.30
C ARG B 26 17.22 -8.54 18.04
N THR B 27 17.26 -8.98 16.79
CA THR B 27 17.98 -10.21 16.45
C THR B 27 19.31 -9.95 15.76
N GLY B 28 19.37 -8.90 14.95
CA GLY B 28 20.58 -8.61 14.20
C GLY B 28 20.59 -9.38 12.90
N THR B 29 19.38 -9.69 12.40
CA THR B 29 19.21 -10.39 11.13
C THR B 29 19.18 -9.40 9.96
N PRO B 30 19.75 -9.78 8.81
CA PRO B 30 19.81 -8.90 7.64
C PRO B 30 18.45 -8.46 7.10
N LEU B 31 18.41 -7.28 6.48
CA LEU B 31 17.20 -6.73 5.89
C LEU B 31 17.55 -6.06 4.58
N SER B 32 16.75 -6.29 3.54
CA SER B 32 17.12 -5.83 2.21
C SER B 32 16.00 -5.18 1.41
N VAL B 33 16.40 -4.42 0.41
CA VAL B 33 15.47 -3.75 -0.50
C VAL B 33 15.90 -3.96 -1.94
N LEU B 34 14.93 -4.30 -2.80
CA LEU B 34 15.13 -4.27 -4.24
C LEU B 34 14.26 -3.20 -4.88
N ILE B 35 14.88 -2.24 -5.57
CA ILE B 35 14.11 -1.27 -6.31
C ILE B 35 14.19 -1.62 -7.79
N ILE B 36 13.03 -1.88 -8.39
CA ILE B 36 12.99 -2.39 -9.76
C ILE B 36 12.18 -1.48 -10.68
N ASP B 37 12.70 -1.25 -11.88
CA ASP B 37 12.03 -0.46 -12.91
C ASP B 37 12.15 -1.17 -14.25
N VAL B 38 11.03 -1.36 -14.94
CA VAL B 38 11.04 -2.00 -16.24
C VAL B 38 11.77 -1.10 -17.24
N ASP B 39 12.73 -1.67 -17.95
CA ASP B 39 13.52 -0.90 -18.90
C ASP B 39 12.69 -0.48 -20.10
N LYS B 40 12.75 0.81 -20.41
CA LYS B 40 12.08 1.38 -21.57
C LYS B 40 10.62 0.97 -21.61
N PHE B 41 9.98 0.97 -20.45
CA PHE B 41 8.58 0.58 -20.37
C PHE B 41 7.73 1.62 -21.09
N LYS B 42 8.12 2.89 -20.91
CA LYS B 42 7.41 3.98 -21.55
C LYS B 42 7.46 3.83 -23.06
N GLU B 43 8.64 3.52 -23.58
CA GLU B 43 8.85 3.31 -25.00
C GLU B 43 8.04 2.11 -25.54
N ILE B 44 7.96 1.05 -24.75
CA ILE B 44 7.17 -0.13 -25.13
C ILE B 44 5.68 0.16 -25.05
N ASN B 45 5.29 0.89 -24.02
CA ASN B 45 3.90 1.26 -23.78
C ASN B 45 3.37 2.08 -24.95
N ASP B 46 4.24 2.88 -25.55
CA ASP B 46 3.86 3.69 -26.72
C ASP B 46 3.66 2.82 -27.96
N THR B 47 4.69 2.06 -28.32
CA THR B 47 4.71 1.32 -29.57
C THR B 47 3.58 0.30 -29.66
N TRP B 48 3.34 -0.42 -28.57
CA TRP B 48 2.41 -1.54 -28.60
C TRP B 48 1.10 -1.31 -27.82
N GLY B 49 1.03 -0.21 -27.09
CA GLY B 49 -0.19 0.16 -26.38
C GLY B 49 -0.15 -0.22 -24.91
N HIS B 50 -1.02 0.40 -24.10
CA HIS B 50 -1.01 0.17 -22.66
C HIS B 50 -1.48 -1.24 -22.28
N ASN B 51 -2.28 -1.86 -23.14
CA ASN B 51 -2.69 -3.25 -22.94
C ASN B 51 -1.50 -4.20 -22.92
N THR B 52 -0.50 -3.88 -23.73
CA THR B 52 0.72 -4.67 -23.79
C THR B 52 1.59 -4.39 -22.58
N GLY B 53 1.59 -3.13 -22.14
CA GLY B 53 2.34 -2.74 -20.95
C GLY B 53 1.81 -3.43 -19.71
N ASP B 54 0.49 -3.58 -19.61
CA ASP B 54 -0.10 -4.22 -18.45
C ASP B 54 0.25 -5.69 -18.36
N GLU B 55 0.18 -6.40 -19.48
CA GLU B 55 0.55 -7.81 -19.49
C GLU B 55 2.04 -7.96 -19.19
N ILE B 56 2.84 -6.99 -19.63
CA ILE B 56 4.25 -6.95 -19.27
C ILE B 56 4.40 -6.84 -17.76
N LEU B 57 3.66 -5.90 -17.18
CA LEU B 57 3.68 -5.70 -15.74
C LEU B 57 3.20 -6.94 -15.01
N ARG B 58 2.33 -7.72 -15.66
CA ARG B 58 1.86 -8.97 -15.07
C ARG B 58 2.97 -9.99 -15.04
N LYS B 59 3.64 -10.14 -16.18
CA LYS B 59 4.73 -11.10 -16.31
C LYS B 59 5.85 -10.72 -15.34
N VAL B 60 6.12 -9.43 -15.25
CA VAL B 60 7.19 -8.93 -14.40
C VAL B 60 6.85 -9.14 -12.92
N SER B 61 5.60 -8.89 -12.55
CA SER B 61 5.16 -9.12 -11.18
C SER B 61 5.20 -10.59 -10.83
N GLN B 62 4.93 -11.44 -11.83
CA GLN B 62 4.94 -12.88 -11.62
C GLN B 62 6.35 -13.34 -11.30
N ALA B 63 7.33 -12.71 -11.95
CA ALA B 63 8.73 -13.04 -11.72
C ALA B 63 9.12 -12.75 -10.28
N PHE B 64 8.49 -11.74 -9.70
CA PHE B 64 8.77 -11.35 -8.32
C PHE B 64 8.30 -12.42 -7.35
N TYR B 65 7.02 -12.75 -7.44
CA TYR B 65 6.41 -13.68 -6.50
C TYR B 65 7.00 -15.09 -6.61
N ASP B 66 7.58 -15.40 -7.77
CA ASP B 66 8.16 -16.71 -7.98
C ASP B 66 9.52 -16.88 -7.32
N ASN B 67 10.10 -15.77 -6.85
CA ASN B 67 11.44 -15.83 -6.28
C ASN B 67 11.55 -15.30 -4.88
N VAL B 68 10.43 -15.26 -4.17
CA VAL B 68 10.45 -14.83 -2.78
C VAL B 68 9.69 -15.77 -1.84
N ARG B 69 10.06 -15.73 -0.57
CA ARG B 69 9.36 -16.48 0.47
C ARG B 69 8.14 -15.69 0.92
N SER B 70 7.37 -16.26 1.84
CA SER B 70 6.19 -15.60 2.39
C SER B 70 6.55 -14.44 3.32
N SER B 71 7.74 -14.49 3.91
CA SER B 71 8.16 -13.48 4.88
C SER B 71 8.60 -12.19 4.20
N ASP B 72 8.69 -12.22 2.87
CA ASP B 72 9.09 -11.06 2.08
C ASP B 72 7.87 -10.23 1.64
N TYR B 73 8.12 -9.03 1.14
CA TYR B 73 7.06 -8.10 0.74
C TYR B 73 7.24 -7.60 -0.69
N VAL B 74 6.15 -7.52 -1.45
CA VAL B 74 6.20 -6.99 -2.82
C VAL B 74 5.28 -5.79 -3.04
N PHE B 75 5.86 -4.66 -3.42
CA PHE B 75 5.11 -3.40 -3.59
C PHE B 75 4.99 -2.89 -5.02
N ARG B 76 3.91 -2.15 -5.26
CA ARG B 76 3.74 -1.43 -6.50
C ARG B 76 4.00 0.01 -6.11
N TYR B 77 5.14 0.51 -6.55
CA TYR B 77 5.65 1.80 -6.10
C TYR B 77 5.35 2.89 -7.14
N GLY B 78 5.89 2.73 -8.34
CA GLY B 78 5.61 3.62 -9.44
C GLY B 78 4.67 2.96 -10.44
N GLY B 79 4.62 3.51 -11.65
CA GLY B 79 3.85 2.90 -12.72
C GLY B 79 4.46 1.57 -13.09
N ASP B 80 5.74 1.61 -13.42
CA ASP B 80 6.51 0.43 -13.80
C ASP B 80 7.58 0.15 -12.74
N GLU B 81 7.41 0.76 -11.58
CA GLU B 81 8.39 0.71 -10.50
C GLU B 81 7.92 -0.20 -9.35
N PHE B 82 8.79 -1.07 -8.88
CA PHE B 82 8.45 -2.01 -7.81
C PHE B 82 9.46 -1.98 -6.66
N ILE B 83 8.99 -2.32 -5.47
CA ILE B 83 9.86 -2.42 -4.31
C ILE B 83 9.68 -3.76 -3.60
N ILE B 84 10.78 -4.49 -3.45
CA ILE B 84 10.76 -5.76 -2.76
C ILE B 84 11.55 -5.67 -1.46
N VAL B 85 10.91 -6.05 -0.36
CA VAL B 85 11.58 -6.08 0.93
C VAL B 85 11.99 -7.51 1.26
N LEU B 86 13.29 -7.75 1.40
CA LEU B 86 13.79 -9.08 1.72
C LEU B 86 14.15 -9.22 3.20
N THR B 87 13.30 -9.90 3.97
CA THR B 87 13.58 -10.13 5.38
C THR B 87 14.52 -11.32 5.59
N GLU B 88 15.52 -11.10 6.44
CA GLU B 88 16.51 -12.14 6.76
C GLU B 88 17.19 -12.68 5.50
N ALA B 89 17.71 -11.77 4.69
CA ALA B 89 18.43 -12.16 3.49
C ALA B 89 19.81 -11.50 3.49
N SER B 90 20.85 -12.31 3.48
CA SER B 90 22.21 -11.80 3.47
C SER B 90 22.46 -11.04 2.17
N GLU B 91 23.52 -10.25 2.17
CA GLU B 91 23.90 -9.48 0.99
C GLU B 91 24.08 -10.38 -0.23
N ASN B 92 24.69 -11.55 -0.03
CA ASN B 92 24.87 -12.50 -1.13
C ASN B 92 23.55 -13.03 -1.66
N GLU B 93 22.60 -13.27 -0.75
CA GLU B 93 21.30 -13.83 -1.13
C GLU B 93 20.49 -12.80 -1.88
N THR B 94 20.61 -11.55 -1.47
CA THR B 94 19.86 -10.47 -2.09
C THR B 94 20.24 -10.35 -3.57
N LEU B 95 21.54 -10.29 -3.83
CA LEU B 95 22.03 -10.21 -5.20
C LEU B 95 21.67 -11.45 -6.00
N ARG B 96 21.68 -12.61 -5.34
CA ARG B 96 21.28 -13.85 -5.98
C ARG B 96 19.82 -13.74 -6.43
N THR B 97 18.99 -13.20 -5.55
CA THR B 97 17.57 -13.06 -5.80
C THR B 97 17.30 -12.06 -6.93
N ALA B 98 17.95 -10.90 -6.85
CA ALA B 98 17.79 -9.86 -7.84
C ALA B 98 18.20 -10.36 -9.22
N GLU B 99 19.24 -11.18 -9.25
CA GLU B 99 19.74 -11.76 -10.49
C GLU B 99 18.77 -12.78 -11.06
N ARG B 100 18.18 -13.59 -10.20
CA ARG B 100 17.19 -14.57 -10.63
C ARG B 100 16.02 -13.86 -11.29
N ILE B 101 15.61 -12.76 -10.69
CA ILE B 101 14.50 -11.97 -11.19
C ILE B 101 14.89 -11.29 -12.50
N ARG B 102 16.04 -10.63 -12.48
CA ARG B 102 16.57 -9.93 -13.65
C ARG B 102 16.74 -10.87 -14.83
N SER B 103 17.25 -12.07 -14.55
CA SER B 103 17.49 -13.07 -15.57
C SER B 103 16.19 -13.59 -16.18
N ARG B 104 15.20 -13.82 -15.33
CA ARG B 104 13.92 -14.37 -15.78
C ARG B 104 13.23 -13.43 -16.75
N VAL B 105 13.24 -12.15 -16.42
CA VAL B 105 12.60 -11.13 -17.25
C VAL B 105 13.32 -11.01 -18.59
N GLU B 106 14.65 -11.09 -18.56
CA GLU B 106 15.44 -11.04 -19.79
C GLU B 106 15.08 -12.21 -20.71
N LYS B 107 14.99 -13.40 -20.11
CA LYS B 107 14.73 -14.63 -20.87
C LYS B 107 13.25 -14.81 -21.17
N THR B 108 12.43 -13.84 -20.77
CA THR B 108 11.02 -13.84 -21.12
C THR B 108 10.81 -13.09 -22.43
N LYS B 109 10.69 -13.84 -23.53
CA LYS B 109 10.39 -13.22 -24.81
C LYS B 109 8.88 -13.02 -24.90
N LEU B 110 8.47 -11.87 -25.43
CA LEU B 110 7.06 -11.56 -25.54
C LEU B 110 6.68 -11.38 -27.01
N LYS B 111 5.67 -12.12 -27.45
CA LYS B 111 5.24 -12.07 -28.86
C LYS B 111 4.45 -10.81 -29.20
N ALA B 112 4.75 -10.26 -30.38
CA ALA B 112 4.11 -9.04 -30.85
C ALA B 112 2.80 -9.33 -31.57
N ALA B 113 2.16 -8.28 -32.09
CA ALA B 113 0.90 -8.43 -32.82
C ALA B 113 1.10 -9.19 -34.13
N ASN B 114 2.26 -8.99 -34.77
CA ASN B 114 2.59 -9.68 -36.01
C ASN B 114 3.25 -11.05 -35.76
N GLY B 115 3.88 -11.19 -34.59
CA GLY B 115 4.46 -12.46 -34.19
C GLY B 115 5.96 -12.46 -33.92
N GLU B 116 6.57 -11.28 -33.90
CA GLU B 116 8.00 -11.17 -33.62
C GLU B 116 8.23 -10.97 -32.12
N ASP B 117 9.49 -10.95 -31.71
CA ASP B 117 9.83 -10.87 -30.29
C ASP B 117 9.98 -9.43 -29.79
N ILE B 118 9.46 -9.17 -28.59
CA ILE B 118 9.59 -7.89 -27.92
C ILE B 118 10.63 -7.96 -26.80
N ALA B 119 11.56 -7.01 -26.79
CA ALA B 119 12.65 -7.02 -25.83
C ALA B 119 12.21 -6.62 -24.42
N LEU B 120 12.38 -7.54 -23.48
CA LEU B 120 12.04 -7.27 -22.08
C LEU B 120 13.27 -7.33 -21.18
N SER B 121 13.36 -6.40 -20.24
CA SER B 121 14.50 -6.34 -19.33
C SER B 121 14.23 -5.46 -18.09
N LEU B 122 14.94 -5.74 -17.00
CA LEU B 122 14.81 -4.99 -15.76
C LEU B 122 16.11 -4.32 -15.30
N SER B 123 15.98 -3.22 -14.59
CA SER B 123 17.11 -2.63 -13.86
C SER B 123 16.79 -2.64 -12.37
N ILE B 124 17.73 -3.12 -11.56
CA ILE B 124 17.46 -3.31 -10.14
C ILE B 124 18.49 -2.64 -9.23
N GLY B 125 18.00 -1.85 -8.28
CA GLY B 125 18.86 -1.29 -7.24
C GLY B 125 18.69 -2.08 -5.96
N ALA B 126 19.81 -2.38 -5.29
CA ALA B 126 19.78 -3.16 -4.05
C ALA B 126 20.57 -2.48 -2.95
N ALA B 127 20.06 -2.56 -1.72
CA ALA B 127 20.71 -1.93 -0.57
C ALA B 127 20.41 -2.66 0.72
N MET B 128 21.42 -2.74 1.59
CA MET B 128 21.30 -3.43 2.87
C MET B 128 20.99 -2.48 4.02
N PHE B 129 20.20 -2.97 4.96
CA PHE B 129 19.89 -2.23 6.18
C PHE B 129 21.17 -2.06 6.99
N ASN B 130 21.48 -0.82 7.34
CA ASN B 130 22.72 -0.52 8.05
C ASN B 130 22.48 0.00 9.46
N GLY B 131 21.27 -0.21 9.99
CA GLY B 131 20.94 0.16 11.34
C GLY B 131 20.16 1.46 11.46
N HIS B 132 20.14 2.26 10.40
CA HIS B 132 19.47 3.56 10.44
C HIS B 132 17.98 3.42 10.68
N PRO B 133 17.46 4.16 11.68
CA PRO B 133 16.07 4.04 12.14
C PRO B 133 15.06 4.43 11.08
N ASP B 134 15.42 5.41 10.24
CA ASP B 134 14.51 5.87 9.19
C ASP B 134 14.57 4.92 8.00
N TYR B 135 13.41 4.33 7.68
CA TYR B 135 13.35 3.35 6.60
C TYR B 135 13.53 4.02 5.25
N GLU B 136 13.12 5.27 5.17
CA GLU B 136 13.20 6.04 3.93
C GLU B 136 14.66 6.20 3.50
N ARG B 137 15.55 6.23 4.49
CA ARG B 137 16.98 6.33 4.23
C ARG B 137 17.46 5.10 3.48
N LEU B 138 16.92 3.94 3.87
CA LEU B 138 17.27 2.67 3.23
C LEU B 138 16.75 2.62 1.80
N ILE B 139 15.61 3.26 1.56
CA ILE B 139 15.05 3.28 0.22
C ILE B 139 15.82 4.28 -0.64
N GLN B 140 16.27 5.38 -0.02
CA GLN B 140 17.02 6.41 -0.74
C GLN B 140 18.27 5.82 -1.37
N ILE B 141 19.06 5.11 -0.57
CA ILE B 141 20.32 4.57 -1.06
C ILE B 141 20.06 3.48 -2.09
N ALA B 142 18.90 2.84 -1.99
CA ALA B 142 18.53 1.79 -2.93
C ALA B 142 18.13 2.37 -4.28
N ASP B 143 17.53 3.57 -4.25
CA ASP B 143 17.14 4.26 -5.48
C ASP B 143 18.38 4.78 -6.19
N GLU B 144 19.33 5.28 -5.41
CA GLU B 144 20.60 5.74 -5.94
C GLU B 144 21.31 4.57 -6.64
N ALA B 145 21.22 3.40 -6.04
CA ALA B 145 21.81 2.20 -6.61
C ALA B 145 21.13 1.83 -7.93
N LEU B 146 19.82 2.04 -8.00
CA LEU B 146 19.08 1.77 -9.22
C LEU B 146 19.44 2.74 -10.34
N TYR B 147 19.57 4.01 -10.01
CA TYR B 147 19.91 5.03 -11.00
C TYR B 147 21.22 4.66 -11.69
N ILE B 148 22.16 4.12 -10.91
CA ILE B 148 23.44 3.70 -11.45
C ILE B 148 23.25 2.52 -12.40
N ALA B 149 22.37 1.59 -12.02
CA ALA B 149 22.09 0.43 -12.84
C ALA B 149 21.54 0.84 -14.19
N LYS B 150 20.71 1.89 -14.18
CA LYS B 150 20.17 2.47 -15.40
C LYS B 150 21.29 3.11 -16.19
N ARG B 151 22.12 3.89 -15.49
CA ARG B 151 23.21 4.62 -16.12
C ARG B 151 24.27 3.70 -16.74
N ARG B 152 24.41 2.50 -16.20
CA ARG B 152 25.44 1.59 -16.69
C ARG B 152 24.92 0.72 -17.84
N GLY B 153 23.83 1.16 -18.47
CA GLY B 153 23.33 0.50 -19.67
C GLY B 153 22.14 -0.42 -19.47
N ARG B 154 21.54 -0.36 -18.28
CA ARG B 154 20.34 -1.13 -17.95
C ARG B 154 20.54 -2.65 -18.05
N ASN B 155 19.44 -3.37 -17.82
CA ASN B 155 19.42 -4.84 -17.75
C ASN B 155 20.50 -5.39 -16.83
N ARG B 156 20.53 -4.90 -15.59
CA ARG B 156 21.57 -5.27 -14.65
C ARG B 156 21.22 -4.88 -13.22
N VAL B 157 21.96 -5.45 -12.28
CA VAL B 157 21.76 -5.21 -10.85
C VAL B 157 22.96 -4.46 -10.26
N GLU B 158 22.71 -3.53 -9.35
CA GLU B 158 23.79 -2.80 -8.69
C GLU B 158 23.56 -2.66 -7.18
N LEU B 159 24.64 -2.79 -6.40
CA LEU B 159 24.57 -2.69 -4.95
C LEU B 159 25.18 -1.40 -4.44
N TRP B 160 24.50 -0.77 -3.48
CA TRP B 160 24.91 0.55 -2.99
C TRP B 160 26.18 0.53 -2.16
N LYS B 161 27.09 1.45 -2.50
CA LYS B 161 28.31 1.70 -1.74
C LYS B 161 28.55 3.22 -1.71
N ALA B 162 29.36 3.69 -0.76
CA ALA B 162 29.63 5.12 -0.63
C ALA B 162 30.32 5.68 -1.88
S SO4 C . -5.26 -1.29 -2.97
O1 SO4 C . -5.00 -0.91 -1.59
O2 SO4 C . -5.87 -2.62 -3.03
O3 SO4 C . -3.99 -1.30 -3.68
O4 SO4 C . -6.17 -0.32 -3.57
S SO4 D . 13.88 3.96 -18.60
O1 SO4 D . 13.33 3.62 -17.30
O2 SO4 D . 13.85 2.81 -19.50
O3 SO4 D . 13.09 5.04 -19.17
O4 SO4 D . 15.28 4.37 -18.45
#